data_1I8K
#
_entry.id   1I8K
#
_cell.length_a   110.500
_cell.length_b   44.800
_cell.length_c   108.600
_cell.angle_alpha   90.00
_cell.angle_beta   90.00
_cell.angle_gamma   90.00
#
_symmetry.space_group_name_H-M   'C 2 2 21'
#
loop_
_entity.id
_entity.type
_entity.pdbx_description
1 polymer 'EPIDERMAL GROWTH FACTOR RECEPTOR ANTIBODY MR1SCFV LIGHT CHAIN'
2 polymer 'EPIDERMAL GROWTH FACTOR RECEPTOR ANTIBODY MR1SCFV HEAVY CHAIN'
3 polymer 'EPIDERMAL GROWTH FACTOR RECEPTOR, EGFRVIII PEPTIDE ANTIGEN'
4 water water
#
loop_
_entity_poly.entity_id
_entity_poly.type
_entity_poly.pdbx_seq_one_letter_code
_entity_poly.pdbx_strand_id
1 'polypeptide(L)'
;DIELTQSPASLSVATGEKVTIRCMTSTDIDDDMNWYQQKPGEPPKFLISEGNTLRPGVPSRFSSSGTGTDFVFTIENTLS
EDVGDYYCLQSFNVPLTFGCGTKLEIK
;
A
2 'polypeptide(L)'
;QVKLQQSGGGLVKPGASLKLSCVTSGFTFRKFGMSWVRQTSDKCLEWVASISTGGYNTYYSDNVKGRFTISRENAKNTLY
LQMSSLKSEDTALYYCTRGYSSTSYAMDYWGQGTTVTVSGIEGR
;
B
3 'polypeptide(L)' EEKKGNYVVTDH C
#
# COMPACT_ATOMS: atom_id res chain seq x y z
N ASP A 1 -11.27 1.67 -12.38
CA ASP A 1 -10.69 2.57 -11.41
C ASP A 1 -11.75 2.82 -10.37
N ILE A 2 -11.53 2.19 -9.24
CA ILE A 2 -12.43 2.28 -8.13
C ILE A 2 -11.88 3.42 -7.29
N GLU A 3 -12.69 4.41 -6.91
CA GLU A 3 -12.20 5.51 -6.11
C GLU A 3 -12.65 5.23 -4.67
N LEU A 4 -11.78 5.55 -3.72
CA LEU A 4 -12.05 5.41 -2.31
C LEU A 4 -12.00 6.80 -1.70
N THR A 5 -13.00 7.15 -0.89
CA THR A 5 -13.03 8.44 -0.22
C THR A 5 -13.23 8.19 1.27
N GLN A 6 -12.27 8.70 2.07
CA GLN A 6 -12.34 8.55 3.52
C GLN A 6 -12.99 9.72 4.24
N SER A 7 -13.51 9.50 5.44
CA SER A 7 -14.06 10.59 6.22
C SER A 7 -14.04 10.19 7.68
N PRO A 8 -13.98 11.11 8.66
CA PRO A 8 -13.63 12.51 8.49
C PRO A 8 -12.21 12.73 7.96
N ALA A 9 -11.82 13.87 7.40
CA ALA A 9 -10.43 14.09 7.02
C ALA A 9 -9.54 14.06 8.28
N SER A 10 -10.01 14.53 9.44
CA SER A 10 -9.22 14.40 10.67
C SER A 10 -10.12 14.46 11.87
N LEU A 11 -9.66 13.96 13.02
CA LEU A 11 -10.43 14.10 14.25
C LEU A 11 -9.48 13.98 15.43
N SER A 12 -9.98 14.49 16.55
CA SER A 12 -9.25 14.57 17.80
C SER A 12 -10.17 13.93 18.80
N VAL A 13 -9.70 12.91 19.49
CA VAL A 13 -10.50 12.29 20.53
C VAL A 13 -9.70 12.32 21.84
N ALA A 14 -10.39 12.08 22.95
CA ALA A 14 -9.74 11.98 24.25
C ALA A 14 -9.47 10.49 24.50
N THR A 15 -8.44 10.17 25.29
CA THR A 15 -8.16 8.80 25.62
C THR A 15 -9.37 8.10 26.23
N GLY A 16 -9.60 6.94 25.64
CA GLY A 16 -10.63 6.02 26.05
C GLY A 16 -11.88 6.23 25.24
N GLU A 17 -11.96 7.23 24.34
CA GLU A 17 -13.15 7.42 23.51
C GLU A 17 -13.12 6.61 22.22
N LYS A 18 -14.27 6.30 21.63
CA LYS A 18 -14.35 5.53 20.40
C LYS A 18 -14.06 6.35 19.16
N VAL A 19 -13.32 5.90 18.13
CA VAL A 19 -13.26 6.68 16.90
C VAL A 19 -13.92 5.86 15.80
N THR A 20 -14.59 6.53 14.87
CA THR A 20 -15.27 5.91 13.75
C THR A 20 -14.74 6.62 12.52
N ILE A 21 -14.26 5.86 11.55
CA ILE A 21 -13.66 6.39 10.31
C ILE A 21 -14.37 5.61 9.23
N ARG A 22 -14.66 6.25 8.12
CA ARG A 22 -15.38 5.57 7.06
C ARG A 22 -14.58 5.65 5.77
N CYS A 23 -14.83 4.72 4.87
CA CYS A 23 -14.21 4.72 3.57
C CYS A 23 -15.26 4.15 2.61
N MET A 24 -15.67 4.94 1.64
CA MET A 24 -16.68 4.46 0.68
C MET A 24 -16.01 4.28 -0.67
N THR A 25 -16.46 3.29 -1.44
CA THR A 25 -15.86 3.01 -2.73
C THR A 25 -16.88 3.40 -3.82
N SER A 26 -16.41 3.62 -5.04
CA SER A 26 -17.27 3.99 -6.13
C SER A 26 -18.00 2.78 -6.67
N THR A 27 -17.57 1.55 -6.42
CA THR A 27 -18.25 0.37 -6.90
C THR A 27 -17.87 -0.76 -5.96
N ASP A 28 -18.62 -1.86 -6.02
CA ASP A 28 -18.38 -3.04 -5.18
C ASP A 28 -16.96 -3.58 -5.28
N ILE A 29 -16.43 -4.03 -4.14
CA ILE A 29 -15.08 -4.55 -4.13
C ILE A 29 -15.00 -5.93 -3.51
N ASP A 30 -16.11 -6.70 -3.46
CA ASP A 30 -16.16 -8.07 -2.96
C ASP A 30 -15.53 -8.19 -1.56
N ASP A 31 -15.79 -7.17 -0.75
CA ASP A 31 -15.26 -7.06 0.61
C ASP A 31 -13.74 -7.13 0.73
N ASP A 32 -13.01 -6.71 -0.31
CA ASP A 32 -11.57 -6.68 -0.25
C ASP A 32 -11.09 -5.33 0.25
N MET A 33 -11.51 -4.95 1.46
CA MET A 33 -11.13 -3.67 2.04
C MET A 33 -10.04 -3.93 3.06
N ASN A 34 -9.04 -3.05 3.10
CA ASN A 34 -7.87 -3.22 3.95
C ASN A 34 -7.63 -1.90 4.64
N TRP A 35 -7.13 -1.96 5.86
CA TRP A 35 -6.90 -0.75 6.61
C TRP A 35 -5.46 -0.74 7.14
N TYR A 36 -4.82 0.41 7.12
CA TYR A 36 -3.45 0.63 7.56
C TYR A 36 -3.39 1.82 8.53
N GLN A 37 -2.38 1.81 9.38
CA GLN A 37 -2.13 2.90 10.33
C GLN A 37 -0.74 3.37 10.02
N GLN A 38 -0.45 4.64 9.86
CA GLN A 38 0.92 5.06 9.57
C GLN A 38 1.30 6.13 10.58
N LYS A 39 2.48 5.91 11.17
CA LYS A 39 3.07 6.83 12.13
C LYS A 39 4.19 7.60 11.46
N PRO A 40 4.61 8.78 11.95
CA PRO A 40 5.61 9.61 11.28
C PRO A 40 6.91 8.87 11.07
N GLY A 41 7.44 8.99 9.86
CA GLY A 41 8.71 8.38 9.51
C GLY A 41 8.64 6.87 9.34
N GLU A 42 7.47 6.24 9.31
CA GLU A 42 7.37 4.80 9.14
C GLU A 42 6.49 4.49 7.94
N PRO A 43 6.54 3.32 7.28
CA PRO A 43 5.55 2.88 6.31
C PRO A 43 4.21 2.62 7.00
N PRO A 44 3.12 2.55 6.24
CA PRO A 44 1.83 2.12 6.77
C PRO A 44 1.97 0.69 7.31
N LYS A 45 1.29 0.43 8.44
CA LYS A 45 1.28 -0.84 9.11
C LYS A 45 -0.08 -1.46 8.83
N PHE A 46 -0.11 -2.72 8.40
CA PHE A 46 -1.32 -3.47 8.02
C PHE A 46 -2.14 -3.80 9.24
N LEU A 47 -3.35 -3.27 9.39
CA LEU A 47 -4.15 -3.58 10.56
C LEU A 47 -5.28 -4.57 10.29
N ILE A 48 -5.94 -4.36 9.15
CA ILE A 48 -7.14 -5.13 8.80
C ILE A 48 -6.99 -5.58 7.36
N SER A 49 -7.21 -6.88 7.05
CA SER A 49 -7.20 -7.33 5.66
C SER A 49 -8.61 -7.67 5.16
N GLU A 50 -8.66 -8.03 3.88
CA GLU A 50 -9.87 -8.40 3.14
C GLU A 50 -10.78 -9.30 3.99
N GLY A 51 -12.10 -9.08 4.04
CA GLY A 51 -12.99 -9.91 4.89
C GLY A 51 -13.01 -9.41 6.31
N ASN A 52 -12.76 -8.11 6.50
CA ASN A 52 -12.78 -7.40 7.77
C ASN A 52 -12.15 -8.16 8.92
N THR A 53 -10.94 -8.63 8.76
CA THR A 53 -10.31 -9.40 9.79
C THR A 53 -9.04 -8.72 10.29
N LEU A 54 -8.96 -8.63 11.61
CA LEU A 54 -7.83 -8.00 12.26
C LEU A 54 -6.56 -8.82 12.03
N ARG A 55 -5.43 -8.18 11.71
CA ARG A 55 -4.18 -8.91 11.55
C ARG A 55 -3.73 -9.48 12.90
N PRO A 56 -3.06 -10.63 13.02
CA PRO A 56 -2.55 -11.08 14.30
C PRO A 56 -1.51 -10.09 14.83
N GLY A 57 -1.60 -9.91 16.13
CA GLY A 57 -0.77 -8.96 16.82
C GLY A 57 -1.49 -7.62 16.93
N VAL A 58 -2.57 -7.33 16.22
CA VAL A 58 -3.12 -5.99 16.34
C VAL A 58 -4.09 -6.02 17.53
N PRO A 59 -4.13 -5.01 18.42
CA PRO A 59 -5.04 -4.91 19.56
C PRO A 59 -6.48 -5.13 19.18
N SER A 60 -7.23 -5.85 20.00
CA SER A 60 -8.63 -6.12 19.69
C SER A 60 -9.55 -4.91 19.76
N ARG A 61 -9.03 -3.75 20.21
CA ARG A 61 -9.84 -2.54 20.24
C ARG A 61 -10.09 -2.02 18.84
N PHE A 62 -9.32 -2.50 17.86
CA PHE A 62 -9.55 -2.10 16.48
C PHE A 62 -10.52 -3.07 15.85
N SER A 63 -11.46 -2.57 15.06
CA SER A 63 -12.42 -3.40 14.34
C SER A 63 -12.72 -2.74 13.00
N SER A 64 -13.36 -3.48 12.10
CA SER A 64 -13.85 -2.88 10.87
C SER A 64 -15.15 -3.57 10.47
N SER A 65 -15.98 -3.00 9.62
CA SER A 65 -17.18 -3.63 9.17
C SER A 65 -17.56 -2.98 7.85
N GLY A 66 -18.67 -3.45 7.29
CA GLY A 66 -19.18 -2.92 6.05
C GLY A 66 -19.04 -3.93 4.94
N THR A 67 -19.82 -3.68 3.89
CA THR A 67 -19.82 -4.49 2.72
C THR A 67 -20.22 -3.56 1.59
N GLY A 68 -20.13 -4.11 0.37
CA GLY A 68 -20.57 -3.38 -0.81
C GLY A 68 -19.64 -2.23 -1.09
N THR A 69 -20.12 -1.00 -0.91
CA THR A 69 -19.32 0.19 -1.15
C THR A 69 -19.16 0.99 0.13
N ASP A 70 -19.52 0.48 1.30
CA ASP A 70 -19.62 1.30 2.49
C ASP A 70 -18.93 0.61 3.63
N PHE A 71 -17.73 1.09 3.97
CA PHE A 71 -16.89 0.42 4.96
C PHE A 71 -16.55 1.35 6.12
N VAL A 72 -16.37 0.74 7.29
CA VAL A 72 -16.13 1.44 8.55
C VAL A 72 -14.95 0.81 9.31
N PHE A 73 -14.17 1.63 10.00
CA PHE A 73 -13.10 1.25 10.85
C PHE A 73 -13.36 1.94 12.18
N THR A 74 -13.21 1.22 13.29
CA THR A 74 -13.40 1.80 14.61
C THR A 74 -12.31 1.39 15.58
N ILE A 75 -12.06 2.30 16.53
CA ILE A 75 -11.16 2.00 17.63
C ILE A 75 -12.08 2.22 18.83
N GLU A 76 -12.29 1.18 19.61
CA GLU A 76 -13.04 1.28 20.85
C GLU A 76 -11.96 1.67 21.85
N ASN A 77 -12.23 2.46 22.89
CA ASN A 77 -11.23 2.72 23.94
C ASN A 77 -9.88 3.20 23.37
N THR A 78 -9.86 4.28 22.58
CA THR A 78 -8.61 4.76 22.00
C THR A 78 -7.53 5.14 23.03
N LEU A 79 -6.29 4.83 22.70
CA LEU A 79 -5.15 5.12 23.55
C LEU A 79 -4.25 6.14 22.87
N SER A 80 -3.37 6.81 23.60
CA SER A 80 -2.47 7.78 23.01
C SER A 80 -1.58 7.21 21.93
N GLU A 81 -1.17 5.95 22.07
CA GLU A 81 -0.35 5.31 21.06
C GLU A 81 -1.09 5.12 19.74
N ASP A 82 -2.37 5.42 19.61
CA ASP A 82 -3.07 5.26 18.34
C ASP A 82 -3.00 6.49 17.50
N VAL A 83 -2.27 7.53 17.90
CA VAL A 83 -2.13 8.68 17.04
C VAL A 83 -1.47 8.30 15.71
N GLY A 84 -2.00 8.78 14.60
CA GLY A 84 -1.41 8.49 13.31
C GLY A 84 -2.40 8.74 12.21
N ASP A 85 -2.02 8.38 11.00
CA ASP A 85 -2.90 8.51 9.85
C ASP A 85 -3.46 7.14 9.47
N TYR A 86 -4.75 7.00 9.25
CA TYR A 86 -5.35 5.70 8.92
C TYR A 86 -5.81 5.69 7.48
N TYR A 87 -5.45 4.65 6.74
CA TYR A 87 -5.73 4.56 5.31
C TYR A 87 -6.51 3.34 4.96
N CYS A 88 -7.44 3.43 4.01
CA CYS A 88 -8.15 2.26 3.51
C CYS A 88 -7.59 1.98 2.13
N LEU A 89 -7.71 0.73 1.68
CA LEU A 89 -7.17 0.25 0.41
C LEU A 89 -8.10 -0.83 -0.14
N GLN A 90 -8.47 -0.75 -1.41
CA GLN A 90 -9.22 -1.84 -2.00
C GLN A 90 -8.21 -2.66 -2.80
N SER A 91 -8.35 -3.98 -2.69
CA SER A 91 -7.48 -4.85 -3.43
C SER A 91 -8.25 -5.80 -4.34
N PHE A 92 -9.48 -5.41 -4.66
CA PHE A 92 -10.31 -6.21 -5.54
C PHE A 92 -9.80 -6.15 -7.00
N ASN A 93 -9.47 -4.95 -7.46
CA ASN A 93 -9.04 -4.74 -8.83
C ASN A 93 -7.80 -3.90 -8.92
N VAL A 94 -7.06 -4.09 -10.01
CA VAL A 94 -5.91 -3.28 -10.35
C VAL A 94 -6.59 -2.18 -11.20
N PRO A 95 -6.27 -0.88 -11.10
CA PRO A 95 -5.28 -0.33 -10.20
C PRO A 95 -5.70 -0.45 -8.74
N LEU A 96 -4.80 -0.86 -7.84
CA LEU A 96 -5.17 -0.89 -6.43
C LEU A 96 -5.29 0.59 -6.03
N THR A 97 -6.28 0.99 -5.23
CA THR A 97 -6.49 2.37 -4.89
C THR A 97 -6.73 2.51 -3.40
N PHE A 98 -6.27 3.65 -2.92
CA PHE A 98 -6.25 4.02 -1.53
C PHE A 98 -7.12 5.24 -1.29
N GLY A 99 -7.71 5.36 -0.09
CA GLY A 99 -8.29 6.64 0.31
C GLY A 99 -7.10 7.55 0.70
N CYS A 100 -7.21 8.86 0.89
CA CYS A 100 -6.01 9.61 1.27
C CYS A 100 -5.85 9.91 2.78
N GLY A 101 -6.41 9.02 3.62
CA GLY A 101 -6.10 9.08 5.03
C GLY A 101 -7.06 9.88 5.89
N THR A 102 -7.17 9.45 7.15
CA THR A 102 -7.87 10.19 8.17
C THR A 102 -6.79 10.42 9.23
N LYS A 103 -6.62 11.69 9.65
CA LYS A 103 -5.61 12.02 10.63
C LYS A 103 -6.17 11.90 12.02
N LEU A 104 -5.56 11.11 12.92
CA LEU A 104 -6.06 10.98 14.28
C LEU A 104 -5.10 11.56 15.31
N GLU A 105 -5.68 12.40 16.20
CA GLU A 105 -4.99 12.97 17.35
C GLU A 105 -5.79 12.66 18.61
N ILE A 106 -5.05 12.61 19.73
CA ILE A 106 -5.60 12.31 21.05
C ILE A 106 -5.27 13.54 21.90
N GLN B 1 10.59 -10.09 11.22
CA GLN B 1 11.45 -11.10 10.60
C GLN B 1 11.42 -10.88 9.09
N VAL B 2 10.25 -10.79 8.44
CA VAL B 2 10.18 -10.46 7.01
C VAL B 2 10.89 -9.10 6.86
N LYS B 3 11.77 -8.90 5.90
CA LYS B 3 12.45 -7.62 5.77
C LYS B 3 12.50 -7.29 4.30
N LEU B 4 12.10 -6.07 3.97
CA LEU B 4 12.21 -5.53 2.61
C LEU B 4 13.21 -4.34 2.70
N GLN B 5 14.41 -4.51 2.14
CA GLN B 5 15.51 -3.52 2.25
C GLN B 5 15.63 -2.75 0.92
N GLN B 6 15.39 -1.45 0.99
CA GLN B 6 15.34 -0.63 -0.22
C GLN B 6 16.65 0.15 -0.40
N SER B 7 16.91 0.49 -1.67
CA SER B 7 18.01 1.37 -2.00
C SER B 7 17.78 1.92 -3.40
N GLY B 8 18.57 2.92 -3.76
CA GLY B 8 18.52 3.54 -5.08
C GLY B 8 17.88 4.91 -4.87
N GLY B 9 17.32 5.48 -5.92
CA GLY B 9 16.61 6.74 -5.74
C GLY B 9 17.54 7.94 -5.65
N GLY B 10 16.96 9.09 -5.40
CA GLY B 10 17.75 10.31 -5.31
C GLY B 10 17.05 11.44 -6.05
N LEU B 11 17.85 12.45 -6.36
CA LEU B 11 17.40 13.64 -7.03
C LEU B 11 17.92 13.59 -8.45
N VAL B 12 17.04 13.73 -9.43
CA VAL B 12 17.42 13.71 -10.84
C VAL B 12 16.65 14.83 -11.53
N LYS B 13 17.10 15.21 -12.74
CA LYS B 13 16.45 16.26 -13.53
C LYS B 13 15.29 15.64 -14.32
N PRO B 14 14.25 16.36 -14.76
CA PRO B 14 13.23 15.81 -15.66
C PRO B 14 13.86 15.12 -16.86
N GLY B 15 13.28 13.99 -17.26
CA GLY B 15 13.74 13.20 -18.37
C GLY B 15 14.69 12.09 -17.94
N ALA B 16 15.20 12.10 -16.71
CA ALA B 16 16.18 11.13 -16.24
C ALA B 16 15.63 9.77 -15.87
N SER B 17 16.48 8.80 -15.59
CA SER B 17 16.11 7.46 -15.21
C SER B 17 16.72 7.12 -13.85
N LEU B 18 16.13 6.12 -13.17
CA LEU B 18 16.51 5.76 -11.82
C LEU B 18 16.10 4.30 -11.63
N LYS B 19 16.91 3.39 -11.10
CA LYS B 19 16.45 2.01 -10.87
C LYS B 19 16.41 1.80 -9.35
N LEU B 20 15.25 1.48 -8.78
CA LEU B 20 15.10 1.24 -7.35
C LEU B 20 15.24 -0.25 -7.08
N SER B 21 15.94 -0.63 -6.00
CA SER B 21 16.08 -2.03 -5.61
C SER B 21 15.36 -2.33 -4.29
N CYS B 22 14.82 -3.54 -4.16
CA CYS B 22 14.23 -3.96 -2.90
C CYS B 22 14.67 -5.39 -2.63
N VAL B 23 15.55 -5.64 -1.67
CA VAL B 23 16.08 -6.98 -1.44
C VAL B 23 15.24 -7.55 -0.32
N THR B 24 14.73 -8.77 -0.45
CA THR B 24 13.86 -9.34 0.59
C THR B 24 14.56 -10.42 1.38
N SER B 25 14.12 -10.65 2.60
CA SER B 25 14.62 -11.76 3.38
C SER B 25 13.49 -12.19 4.30
N GLY B 26 13.63 -13.39 4.83
CA GLY B 26 12.68 -13.85 5.81
C GLY B 26 11.51 -14.62 5.24
N PHE B 27 11.44 -14.90 3.94
CA PHE B 27 10.36 -15.70 3.42
C PHE B 27 10.80 -16.24 2.07
N THR B 28 10.08 -17.24 1.51
CA THR B 28 10.37 -17.72 0.17
C THR B 28 9.82 -16.65 -0.76
N PHE B 29 10.71 -15.88 -1.36
CA PHE B 29 10.37 -14.75 -2.20
C PHE B 29 9.52 -15.18 -3.37
N ARG B 30 9.83 -16.26 -4.08
CA ARG B 30 9.05 -16.67 -5.25
C ARG B 30 7.61 -17.07 -4.98
N LYS B 31 7.19 -17.21 -3.71
CA LYS B 31 5.82 -17.62 -3.39
C LYS B 31 4.94 -16.38 -3.22
N PHE B 32 5.48 -15.16 -3.35
CA PHE B 32 4.72 -13.96 -3.11
C PHE B 32 4.77 -12.98 -4.26
N GLY B 33 3.64 -12.30 -4.53
CA GLY B 33 3.61 -11.20 -5.47
C GLY B 33 4.16 -9.97 -4.74
N MET B 34 4.57 -8.93 -5.46
CA MET B 34 5.17 -7.75 -4.85
C MET B 34 4.64 -6.53 -5.59
N SER B 35 4.70 -5.34 -4.99
CA SER B 35 4.25 -4.11 -5.62
C SER B 35 5.17 -2.96 -5.21
N TRP B 36 5.04 -1.86 -5.94
CA TRP B 36 5.63 -0.58 -5.54
C TRP B 36 4.46 0.37 -5.32
N VAL B 37 4.40 1.15 -4.25
CA VAL B 37 3.39 2.20 -4.14
C VAL B 37 4.16 3.42 -3.63
N ARG B 38 3.69 4.61 -4.00
CA ARG B 38 4.41 5.82 -3.69
C ARG B 38 3.52 6.75 -2.89
N GLN B 39 4.19 7.55 -2.05
CA GLN B 39 3.51 8.49 -1.20
C GLN B 39 4.02 9.89 -1.51
N THR B 40 3.10 10.78 -1.89
CA THR B 40 3.45 12.15 -2.23
C THR B 40 3.38 13.08 -1.02
N SER B 41 3.70 14.37 -1.13
CA SER B 41 3.80 15.25 0.02
C SER B 41 2.48 15.54 0.69
N ASP B 42 1.40 15.35 -0.08
CA ASP B 42 0.06 15.48 0.47
C ASP B 42 -0.39 14.28 1.30
N LYS B 43 0.54 13.33 1.46
CA LYS B 43 0.43 12.08 2.18
C LYS B 43 -0.51 11.09 1.51
N CYS B 44 -0.88 11.29 0.25
CA CYS B 44 -1.72 10.31 -0.42
C CYS B 44 -0.87 9.18 -0.96
N LEU B 45 -1.40 7.98 -1.00
CA LEU B 45 -0.68 6.79 -1.43
C LEU B 45 -1.19 6.41 -2.81
N GLU B 46 -0.30 6.08 -3.74
CA GLU B 46 -0.71 5.73 -5.08
C GLU B 46 0.04 4.48 -5.48
N TRP B 47 -0.72 3.46 -5.88
CA TRP B 47 -0.14 2.22 -6.37
C TRP B 47 0.58 2.51 -7.71
N VAL B 48 1.80 1.97 -7.85
CA VAL B 48 2.60 2.16 -9.06
C VAL B 48 2.57 0.93 -9.98
N ALA B 49 2.86 -0.27 -9.44
CA ALA B 49 2.96 -1.46 -10.27
C ALA B 49 2.95 -2.72 -9.38
N SER B 50 2.53 -3.85 -9.92
CA SER B 50 2.54 -5.12 -9.23
C SER B 50 3.12 -6.18 -10.13
N ILE B 51 3.71 -7.23 -9.56
CA ILE B 51 4.30 -8.33 -10.31
C ILE B 51 4.00 -9.65 -9.59
N SER B 52 3.56 -10.63 -10.39
CA SER B 52 3.28 -11.96 -9.92
C SER B 52 4.52 -12.72 -9.45
N THR B 53 4.29 -13.88 -8.82
CA THR B 53 5.34 -14.68 -8.24
C THR B 53 6.53 -14.99 -9.16
N GLY B 54 6.25 -15.35 -10.40
CA GLY B 54 7.30 -15.68 -11.32
C GLY B 54 7.66 -14.52 -12.24
N GLY B 55 6.90 -13.43 -12.21
CA GLY B 55 7.17 -12.31 -13.13
C GLY B 55 6.41 -12.37 -14.45
N TYR B 56 5.55 -13.39 -14.65
CA TYR B 56 4.81 -13.54 -15.91
C TYR B 56 3.68 -12.53 -16.09
N ASN B 57 3.22 -11.91 -15.00
CA ASN B 57 2.14 -10.94 -15.08
C ASN B 57 2.58 -9.67 -14.39
N THR B 58 2.50 -8.53 -15.05
CA THR B 58 2.85 -7.27 -14.43
C THR B 58 1.70 -6.32 -14.67
N TYR B 59 1.48 -5.37 -13.79
CA TYR B 59 0.37 -4.41 -13.84
C TYR B 59 0.93 -3.05 -13.47
N TYR B 60 0.52 -1.99 -14.17
CA TYR B 60 1.03 -0.62 -14.00
C TYR B 60 -0.11 0.37 -13.90
N SER B 61 0.13 1.45 -13.17
CA SER B 61 -0.83 2.52 -13.14
C SER B 61 -0.72 3.20 -14.50
N ASP B 62 -1.81 3.81 -14.93
CA ASP B 62 -1.84 4.58 -16.15
C ASP B 62 -0.84 5.70 -16.07
N ASN B 63 -0.61 6.26 -14.88
CA ASN B 63 0.39 7.30 -14.69
C ASN B 63 1.82 6.94 -15.04
N VAL B 64 2.22 5.65 -14.99
CA VAL B 64 3.59 5.27 -15.27
C VAL B 64 3.73 4.31 -16.47
N LYS B 65 2.63 3.86 -17.09
CA LYS B 65 2.70 3.00 -18.27
C LYS B 65 3.57 3.56 -19.40
N GLY B 66 4.47 2.78 -19.98
CA GLY B 66 5.31 3.29 -21.06
C GLY B 66 6.59 3.94 -20.53
N ARG B 67 6.76 4.09 -19.20
CA ARG B 67 7.93 4.71 -18.62
C ARG B 67 8.54 3.85 -17.54
N PHE B 68 7.76 3.17 -16.69
CA PHE B 68 8.33 2.38 -15.58
C PHE B 68 8.25 0.89 -15.83
N THR B 69 9.15 0.08 -15.28
CA THR B 69 9.07 -1.36 -15.52
C THR B 69 9.32 -1.98 -14.16
N ILE B 70 8.44 -2.89 -13.73
CA ILE B 70 8.65 -3.64 -12.49
C ILE B 70 9.20 -5.01 -12.91
N SER B 71 10.19 -5.55 -12.22
CA SER B 71 10.74 -6.83 -12.59
C SER B 71 11.27 -7.46 -11.32
N ARG B 72 11.61 -8.74 -11.33
CA ARG B 72 12.16 -9.32 -10.13
C ARG B 72 13.18 -10.35 -10.57
N GLU B 73 14.11 -10.66 -9.68
CA GLU B 73 15.08 -11.71 -9.91
C GLU B 73 14.94 -12.65 -8.75
N ASN B 74 14.21 -13.73 -8.92
CA ASN B 74 13.89 -14.62 -7.82
C ASN B 74 15.10 -15.28 -7.18
N ALA B 75 16.12 -15.63 -7.98
CA ALA B 75 17.34 -16.21 -7.41
C ALA B 75 18.10 -15.26 -6.49
N LYS B 76 17.86 -13.97 -6.62
CA LYS B 76 18.52 -12.98 -5.79
C LYS B 76 17.58 -12.36 -4.76
N ASN B 77 16.35 -12.87 -4.62
CA ASN B 77 15.35 -12.32 -3.71
C ASN B 77 15.19 -10.82 -3.88
N THR B 78 15.28 -10.33 -5.13
CA THR B 78 15.21 -8.90 -5.35
C THR B 78 14.12 -8.44 -6.32
N LEU B 79 13.42 -7.40 -5.92
CA LEU B 79 12.38 -6.72 -6.69
C LEU B 79 12.98 -5.41 -7.23
N TYR B 80 12.70 -5.01 -8.48
CA TYR B 80 13.20 -3.75 -9.02
C TYR B 80 12.09 -2.89 -9.61
N LEU B 81 12.36 -1.58 -9.63
CA LEU B 81 11.52 -0.64 -10.36
C LEU B 81 12.46 0.19 -11.23
N GLN B 82 12.41 0.01 -12.54
CA GLN B 82 13.17 0.83 -13.47
C GLN B 82 12.29 1.99 -13.91
N MET B 83 12.70 3.20 -13.54
CA MET B 83 11.99 4.41 -13.88
C MET B 83 12.72 5.11 -15.04
N SER B 84 12.03 5.61 -16.06
CA SER B 84 12.68 6.36 -17.13
C SER B 84 11.77 7.54 -17.48
N SER B 85 12.24 8.49 -18.27
CA SER B 85 11.46 9.64 -18.66
C SER B 85 10.72 10.26 -17.47
N LEU B 86 11.50 10.40 -16.40
CA LEU B 86 10.93 10.90 -15.17
C LEU B 86 10.43 12.33 -15.25
N LYS B 87 9.34 12.65 -14.56
CA LYS B 87 8.78 13.98 -14.57
C LYS B 87 8.56 14.43 -13.13
N SER B 88 8.32 15.73 -12.89
CA SER B 88 8.23 16.22 -11.52
C SER B 88 7.11 15.56 -10.75
N GLU B 89 6.03 15.19 -11.44
CA GLU B 89 4.90 14.45 -10.92
C GLU B 89 5.28 13.10 -10.30
N ASP B 90 6.41 12.51 -10.66
CA ASP B 90 6.87 11.26 -10.05
C ASP B 90 7.57 11.46 -8.72
N THR B 91 7.76 12.70 -8.26
CA THR B 91 8.43 12.97 -6.98
C THR B 91 7.58 12.35 -5.87
N ALA B 92 8.19 11.45 -5.10
CA ALA B 92 7.48 10.75 -4.04
C ALA B 92 8.45 9.87 -3.27
N LEU B 93 7.97 9.39 -2.11
CA LEU B 93 8.66 8.35 -1.36
C LEU B 93 8.13 7.05 -1.92
N TYR B 94 9.00 6.22 -2.49
CA TYR B 94 8.60 4.94 -3.08
C TYR B 94 8.79 3.78 -2.13
N TYR B 95 7.73 3.01 -1.95
CA TYR B 95 7.73 1.84 -1.11
C TYR B 95 7.64 0.54 -1.89
N CYS B 96 8.53 -0.36 -1.48
CA CYS B 96 8.60 -1.76 -1.83
C CYS B 96 7.51 -2.42 -0.95
N THR B 97 6.70 -3.36 -1.45
CA THR B 97 5.61 -3.92 -0.65
C THR B 97 5.44 -5.39 -1.05
N ARG B 98 4.99 -6.23 -0.12
CA ARG B 98 4.73 -7.64 -0.43
C ARG B 98 3.21 -7.88 -0.47
N GLY B 99 2.65 -8.58 -1.46
CA GLY B 99 1.24 -8.97 -1.48
C GLY B 99 1.10 -10.02 -0.36
N TYR B 100 0.11 -9.83 0.52
CA TYR B 100 -0.04 -10.68 1.69
C TYR B 100 -0.55 -12.09 1.44
N SER B 101 -1.18 -12.38 0.29
CA SER B 101 -1.75 -13.70 0.05
C SER B 101 -1.39 -14.18 -1.34
N SER B 102 -1.67 -15.44 -1.68
CA SER B 102 -1.31 -15.94 -3.01
C SER B 102 -2.24 -15.43 -4.11
N THR B 103 -3.25 -14.63 -3.73
CA THR B 103 -4.28 -14.13 -4.61
C THR B 103 -4.47 -12.61 -4.54
N SER B 104 -3.80 -11.95 -3.57
CA SER B 104 -3.99 -10.52 -3.39
C SER B 104 -2.67 -9.74 -3.36
N TYR B 105 -2.74 -8.52 -3.93
CA TYR B 105 -1.62 -7.59 -3.84
C TYR B 105 -1.77 -6.64 -2.66
N ALA B 106 -2.85 -6.74 -1.85
CA ALA B 106 -2.97 -5.96 -0.60
C ALA B 106 -1.68 -6.18 0.23
N MET B 107 -1.09 -5.09 0.72
CA MET B 107 0.26 -5.15 1.27
C MET B 107 0.36 -5.57 2.71
N ASP B 108 1.22 -6.52 3.07
CA ASP B 108 1.42 -6.69 4.48
C ASP B 108 2.73 -6.03 4.90
N TYR B 109 3.87 -6.40 4.36
CA TYR B 109 5.17 -5.83 4.72
C TYR B 109 5.56 -4.80 3.67
N TRP B 110 6.17 -3.76 4.23
CA TRP B 110 6.60 -2.61 3.46
C TRP B 110 8.08 -2.37 3.72
N GLY B 111 8.82 -1.93 2.68
CA GLY B 111 10.20 -1.50 2.84
C GLY B 111 10.20 -0.15 3.55
N GLN B 112 11.37 0.42 3.83
CA GLN B 112 11.43 1.70 4.53
C GLN B 112 11.16 2.93 3.68
N GLY B 113 11.01 2.82 2.35
CA GLY B 113 10.74 3.99 1.54
C GLY B 113 12.03 4.52 0.93
N THR B 114 12.03 4.87 -0.37
CA THR B 114 13.19 5.42 -1.09
C THR B 114 12.75 6.79 -1.64
N THR B 115 13.43 7.91 -1.34
CA THR B 115 13.05 9.19 -1.87
C THR B 115 13.43 9.31 -3.36
N VAL B 116 12.51 9.77 -4.21
CA VAL B 116 12.96 10.19 -5.54
C VAL B 116 12.36 11.58 -5.68
N THR B 117 13.20 12.50 -6.12
CA THR B 117 12.78 13.86 -6.36
C THR B 117 13.13 14.13 -7.82
N VAL B 118 12.22 14.71 -8.59
CA VAL B 118 12.53 15.02 -9.98
C VAL B 118 12.38 16.54 -10.06
N SER B 119 13.48 17.23 -10.35
CA SER B 119 13.50 18.68 -10.29
C SER B 119 14.67 19.23 -11.12
N LYS C 3 -5.78 -16.30 -8.40
CA LYS C 3 -6.50 -15.48 -9.35
C LYS C 3 -7.78 -15.07 -8.65
N LYS C 4 -8.12 -13.80 -8.80
CA LYS C 4 -9.28 -13.18 -8.21
C LYS C 4 -9.27 -11.81 -8.86
N GLY C 5 -10.49 -11.26 -9.01
CA GLY C 5 -10.69 -9.91 -9.52
C GLY C 5 -10.17 -9.85 -10.93
N ASN C 6 -9.33 -8.88 -11.20
CA ASN C 6 -8.86 -8.78 -12.56
C ASN C 6 -7.36 -8.94 -12.65
N TYR C 7 -6.76 -9.70 -11.71
CA TYR C 7 -5.32 -9.84 -11.77
C TYR C 7 -4.83 -11.18 -11.24
N VAL C 8 -3.61 -11.57 -11.64
CA VAL C 8 -3.04 -12.77 -11.07
C VAL C 8 -1.82 -12.39 -10.23
N VAL C 9 -1.69 -13.02 -9.05
CA VAL C 9 -0.47 -12.83 -8.33
C VAL C 9 0.26 -14.16 -8.33
N THR C 10 -0.36 -15.37 -8.30
CA THR C 10 0.45 -16.59 -8.33
C THR C 10 0.41 -17.23 -9.72
N ASP C 11 1.58 -17.32 -10.33
CA ASP C 11 1.74 -17.93 -11.63
C ASP C 11 1.69 -19.44 -11.55
N HIS C 12 1.35 -20.05 -12.68
CA HIS C 12 1.39 -21.50 -12.89
C HIS C 12 1.89 -21.68 -14.32
#